data_6EDE
#
_entry.id   6EDE
#
_cell.length_a   53.284
_cell.length_b   53.284
_cell.length_c   308.393
_cell.angle_alpha   90.00
_cell.angle_beta   90.00
_cell.angle_gamma   120.00
#
_symmetry.space_group_name_H-M   'P 61 2 2'
#
loop_
_entity.id
_entity.type
_entity.pdbx_description
1 polymer "Probable RNA 2'-phosphotransferase"
2 non-polymer '[[(2~{R},3~{S},4~{R},5~{R})-5-(6-aminopurin-9-yl)-3,4-bis(oxidanyl)oxolan-2-yl]methoxy-oxidanyl-phosphoryl] [(2~{R},3~{S},4~{R},5~{R})-3,4-bis(oxidanyl)-5-phosphonooxy-oxolan-2-yl]methyl hydrogen phosphate'
3 water water
#
_entity_poly.entity_id   1
_entity_poly.type   'polypeptide(L)'
_entity_poly.pdbx_seq_one_letter_code
;MGSSHHHHHHSSGLVPRGSHMMVLIDYSKLSKEVAYALRHAPWEYGLELDAEGWVDINQLLSSLHESEKWKKVSEHDLHV
MIEKSDKKRYEISNGKIRALYGHSIPQRIIKEQKCPPEVLYHGTARRFVKSIKEKGLQPQGRQYVHLSADVETALQVGKR
RDIKPVLLIVNALEAWSEGIKFYLGNDKVWLADAIPSKYIRFE
;
_entity_poly.pdbx_strand_id   A
#
loop_
_chem_comp.id
_chem_comp.type
_chem_comp.name
_chem_comp.formula
HQG non-polymer '[[(2~{R},3~{S},4~{R},5~{R})-5-(6-aminopurin-9-yl)-3,4-bis(oxidanyl)oxolan-2-yl]methoxy-oxidanyl-phosphoryl] [(2~{R},3~{S},4~{R},5~{R})-3,4-bis(oxidanyl)-5-phosphonooxy-oxolan-2-yl]methyl hydrogen phosphate' 'C15 H24 N5 O17 P3'
#
# COMPACT_ATOMS: atom_id res chain seq x y z
N ILE A 25 -6.19 -18.13 -15.66
CA ILE A 25 -5.37 -17.08 -15.08
C ILE A 25 -5.44 -17.13 -13.55
N ASP A 26 -4.29 -17.27 -12.92
CA ASP A 26 -4.19 -17.20 -11.46
C ASP A 26 -4.10 -15.73 -11.07
N TYR A 27 -5.23 -15.15 -10.64
CA TYR A 27 -5.28 -13.71 -10.41
C TYR A 27 -4.43 -13.30 -9.22
N SER A 28 -4.24 -14.18 -8.24
CA SER A 28 -3.40 -13.84 -7.10
C SER A 28 -1.93 -13.68 -7.51
N LYS A 29 -1.44 -14.57 -8.35
CA LYS A 29 -0.06 -14.43 -8.82
C LYS A 29 0.08 -13.26 -9.78
N LEU A 30 -0.93 -13.03 -10.61
CA LEU A 30 -0.92 -11.85 -11.48
C LEU A 30 -0.86 -10.57 -10.65
N SER A 31 -1.64 -10.51 -9.55
CA SER A 31 -1.61 -9.32 -8.71
C SER A 31 -0.22 -9.09 -8.11
N LYS A 32 0.48 -10.17 -7.74
CA LYS A 32 1.82 -10.00 -7.20
C LYS A 32 2.76 -9.42 -8.25
N GLU A 33 2.63 -9.85 -9.51
CA GLU A 33 3.45 -9.29 -10.57
C GLU A 33 3.12 -7.82 -10.80
N VAL A 34 1.82 -7.49 -10.85
CA VAL A 34 1.42 -6.11 -11.05
C VAL A 34 1.89 -5.23 -9.88
N ALA A 35 1.82 -5.75 -8.65
CA ALA A 35 2.31 -4.99 -7.51
C ALA A 35 3.79 -4.68 -7.66
N TYR A 36 4.57 -5.66 -8.11
CA TYR A 36 6.01 -5.39 -8.26
C TYR A 36 6.23 -4.29 -9.29
N ALA A 37 5.53 -4.34 -10.42
CA ALA A 37 5.71 -3.33 -11.45
C ALA A 37 5.26 -1.95 -10.98
N LEU A 38 4.13 -1.87 -10.27
CA LEU A 38 3.51 -0.57 -9.99
C LEU A 38 3.94 0.01 -8.65
N ARG A 39 4.53 -0.79 -7.76
CA ARG A 39 4.98 -0.31 -6.46
C ARG A 39 6.49 -0.23 -6.32
N HIS A 40 7.23 -1.15 -6.94
CA HIS A 40 8.60 -1.44 -6.52
C HIS A 40 9.64 -1.28 -7.60
N ALA A 41 9.36 -1.74 -8.83
CA ALA A 41 10.43 -1.78 -9.82
C ALA A 41 9.89 -1.54 -11.22
N PRO A 42 9.22 -0.41 -11.47
CA PRO A 42 8.67 -0.17 -12.81
C PRO A 42 9.74 -0.21 -13.89
N TRP A 43 10.96 0.23 -13.57
CA TRP A 43 12.06 0.21 -14.53
C TRP A 43 12.33 -1.20 -15.05
N GLU A 44 12.13 -2.22 -14.21
CA GLU A 44 12.40 -3.59 -14.64
C GLU A 44 11.46 -4.03 -15.76
N TYR A 45 10.29 -3.40 -15.84
CA TYR A 45 9.31 -3.65 -16.89
C TYR A 45 9.39 -2.63 -18.01
N GLY A 46 10.41 -1.79 -18.00
CA GLY A 46 10.50 -0.73 -18.99
C GLY A 46 9.45 0.33 -18.84
N LEU A 47 8.91 0.50 -17.63
CA LEU A 47 7.82 1.44 -17.38
C LEU A 47 8.32 2.64 -16.58
N GLU A 48 7.63 3.76 -16.76
CA GLU A 48 7.86 4.96 -15.97
C GLU A 48 6.51 5.41 -15.41
N LEU A 49 6.44 5.55 -14.09
CA LEU A 49 5.19 5.98 -13.45
C LEU A 49 5.17 7.50 -13.36
N ASP A 50 3.98 8.09 -13.44
CA ASP A 50 3.91 9.53 -13.27
C ASP A 50 3.90 9.86 -11.77
N ALA A 51 3.77 11.15 -11.45
CA ALA A 51 3.93 11.60 -10.07
C ALA A 51 2.89 10.99 -9.12
N GLU A 52 1.74 10.57 -9.62
CA GLU A 52 0.71 9.96 -8.80
C GLU A 52 0.67 8.45 -8.95
N GLY A 53 1.62 7.87 -9.68
CA GLY A 53 1.77 6.44 -9.79
C GLY A 53 1.19 5.81 -11.04
N TRP A 54 0.64 6.60 -11.96
CA TRP A 54 -0.07 6.06 -13.11
C TRP A 54 0.87 5.67 -14.24
N VAL A 55 0.47 4.64 -14.99
CA VAL A 55 1.12 4.27 -16.24
C VAL A 55 0.05 3.80 -17.21
N ASP A 56 0.32 3.99 -18.50
CA ASP A 56 -0.60 3.52 -19.55
C ASP A 56 -0.80 2.01 -19.42
N ILE A 57 -2.07 1.57 -19.45
CA ILE A 57 -2.33 0.17 -19.18
C ILE A 57 -1.82 -0.72 -20.32
N ASN A 58 -1.80 -0.20 -21.57
CA ASN A 58 -1.28 -1.00 -22.66
C ASN A 58 0.24 -1.16 -22.56
N GLN A 59 0.92 -0.19 -21.95
CA GLN A 59 2.35 -0.35 -21.70
C GLN A 59 2.61 -1.41 -20.65
N LEU A 60 1.80 -1.43 -19.57
CA LEU A 60 1.93 -2.50 -18.59
C LEU A 60 1.66 -3.86 -19.22
N LEU A 61 0.59 -3.96 -20.03
CA LEU A 61 0.27 -5.24 -20.66
C LEU A 61 1.39 -5.69 -21.59
N SER A 62 1.93 -4.76 -22.39
CA SER A 62 3.06 -5.10 -23.26
C SER A 62 4.23 -5.65 -22.46
N SER A 63 4.49 -5.07 -21.28
CA SER A 63 5.60 -5.53 -20.45
C SER A 63 5.29 -6.88 -19.81
N LEU A 64 4.04 -7.09 -19.39
CA LEU A 64 3.69 -8.40 -18.84
C LEU A 64 3.87 -9.50 -19.87
N HIS A 65 3.61 -9.19 -21.13
CA HIS A 65 3.71 -10.17 -22.20
C HIS A 65 5.16 -10.55 -22.52
N GLU A 66 6.14 -9.89 -21.90
CA GLU A 66 7.51 -10.36 -21.98
C GLU A 66 7.73 -11.65 -21.20
N SER A 67 6.87 -11.93 -20.22
CA SER A 67 6.97 -13.12 -19.39
C SER A 67 6.04 -14.20 -19.92
N GLU A 68 6.58 -15.42 -20.05
CA GLU A 68 5.77 -16.53 -20.58
C GLU A 68 4.48 -16.73 -19.79
N LYS A 69 4.51 -16.50 -18.48
CA LYS A 69 3.33 -16.78 -17.68
C LYS A 69 2.16 -15.88 -18.04
N TRP A 70 2.42 -14.69 -18.58
CA TRP A 70 1.38 -13.67 -18.68
C TRP A 70 1.04 -13.27 -20.11
N LYS A 71 1.44 -14.07 -21.10
CA LYS A 71 1.19 -13.66 -22.48
C LYS A 71 -0.28 -13.75 -22.88
N LYS A 72 -1.13 -14.37 -22.06
CA LYS A 72 -2.56 -14.37 -22.32
C LYS A 72 -3.30 -13.20 -21.69
N VAL A 73 -2.64 -12.42 -20.83
CA VAL A 73 -3.34 -11.45 -20.00
C VAL A 73 -3.84 -10.28 -20.84
N SER A 74 -5.11 -9.94 -20.68
CA SER A 74 -5.73 -8.83 -21.39
C SER A 74 -6.08 -7.73 -20.40
N GLU A 75 -6.49 -6.57 -20.94
CA GLU A 75 -6.99 -5.52 -20.06
C GLU A 75 -8.20 -6.00 -19.27
N HIS A 76 -9.08 -6.77 -19.92
CA HIS A 76 -10.22 -7.34 -19.21
C HIS A 76 -9.78 -8.13 -17.99
N ASP A 77 -8.71 -8.92 -18.13
CA ASP A 77 -8.21 -9.70 -17.00
C ASP A 77 -7.79 -8.81 -15.84
N LEU A 78 -7.21 -7.64 -16.14
CA LEU A 78 -6.82 -6.74 -15.07
C LEU A 78 -8.04 -6.16 -14.34
N HIS A 79 -9.11 -5.84 -15.09
CA HIS A 79 -10.33 -5.38 -14.41
C HIS A 79 -10.90 -6.48 -13.52
N VAL A 80 -10.88 -7.73 -14.00
CA VAL A 80 -11.41 -8.83 -13.21
C VAL A 80 -10.56 -9.08 -11.98
N MET A 81 -9.23 -9.07 -12.14
CA MET A 81 -8.33 -9.16 -11.01
C MET A 81 -8.68 -8.14 -9.93
N ILE A 82 -8.92 -6.89 -10.33
CA ILE A 82 -9.30 -5.86 -9.37
C ILE A 82 -10.65 -6.17 -8.74
N GLU A 83 -11.64 -6.55 -9.57
CA GLU A 83 -12.99 -6.80 -9.06
C GLU A 83 -13.01 -7.89 -8.00
N LYS A 84 -12.23 -8.94 -8.20
CA LYS A 84 -12.32 -10.11 -7.33
C LYS A 84 -11.41 -10.02 -6.10
N SER A 85 -10.63 -8.95 -5.97
CA SER A 85 -9.65 -8.85 -4.90
C SER A 85 -10.27 -8.49 -3.56
N ASP A 86 -9.66 -9.03 -2.50
CA ASP A 86 -10.02 -8.65 -1.12
C ASP A 86 -9.71 -7.19 -0.83
N LYS A 87 -8.73 -6.62 -1.53
CA LYS A 87 -8.19 -5.31 -1.24
C LYS A 87 -8.25 -4.46 -2.51
N LYS A 88 -8.47 -3.15 -2.33
CA LYS A 88 -8.46 -2.23 -3.46
C LYS A 88 -7.02 -1.77 -3.66
N ARG A 89 -6.26 -2.61 -4.37
CA ARG A 89 -4.84 -2.34 -4.55
C ARG A 89 -4.59 -1.41 -5.72
N TYR A 90 -5.40 -1.52 -6.77
CA TYR A 90 -5.16 -0.82 -8.04
C TYR A 90 -6.44 -0.18 -8.52
N GLU A 91 -6.27 0.82 -9.39
CA GLU A 91 -7.42 1.36 -10.09
C GLU A 91 -7.03 1.63 -11.54
N ILE A 92 -8.02 1.48 -12.41
CA ILE A 92 -7.88 1.71 -13.84
C ILE A 92 -8.81 2.86 -14.19
N SER A 93 -8.24 3.91 -14.79
CA SER A 93 -9.00 5.11 -15.13
C SER A 93 -8.49 5.65 -16.45
N ASN A 94 -9.39 5.82 -17.41
CA ASN A 94 -9.06 6.42 -18.71
C ASN A 94 -7.83 5.75 -19.33
N GLY A 95 -7.78 4.43 -19.25
CA GLY A 95 -6.71 3.68 -19.90
C GLY A 95 -5.38 3.70 -19.19
N LYS A 96 -5.33 4.19 -17.95
CA LYS A 96 -4.13 4.15 -17.13
C LYS A 96 -4.41 3.35 -15.87
N ILE A 97 -3.36 2.83 -15.27
CA ILE A 97 -3.47 2.02 -14.07
C ILE A 97 -2.43 2.51 -13.06
N ARG A 98 -2.77 2.41 -11.79
CA ARG A 98 -1.81 2.70 -10.71
C ARG A 98 -2.09 1.82 -9.52
N ALA A 99 -1.06 1.66 -8.68
CA ALA A 99 -1.26 1.16 -7.32
C ALA A 99 -1.59 2.32 -6.39
N LEU A 100 -2.53 2.09 -5.47
CA LEU A 100 -2.97 3.14 -4.56
C LEU A 100 -2.08 3.30 -3.35
N TYR A 101 -1.24 2.31 -3.04
CA TYR A 101 -0.40 2.37 -1.85
C TYR A 101 0.74 1.38 -2.04
N GLY A 102 1.62 1.31 -1.06
CA GLY A 102 2.64 0.29 -1.04
C GLY A 102 3.94 0.61 -1.76
N HIS A 103 4.05 1.79 -2.38
CA HIS A 103 5.19 2.10 -3.21
C HIS A 103 6.48 2.19 -2.41
N SER A 104 7.58 1.80 -3.04
CA SER A 104 8.90 1.91 -2.45
C SER A 104 9.89 2.68 -3.32
N ILE A 105 9.49 3.17 -4.48
CA ILE A 105 10.40 3.76 -5.47
C ILE A 105 10.99 5.06 -4.93
N PRO A 106 12.15 5.49 -5.45
CA PRO A 106 12.78 6.71 -4.90
C PRO A 106 11.93 7.97 -5.08
N GLN A 107 11.22 8.10 -6.20
CA GLN A 107 10.41 9.29 -6.45
C GLN A 107 9.11 9.21 -5.65
N ARG A 108 8.88 10.19 -4.78
CA ARG A 108 7.72 10.17 -3.89
C ARG A 108 6.44 10.24 -4.71
N ILE A 109 5.54 9.28 -4.47
CA ILE A 109 4.20 9.34 -5.06
C ILE A 109 3.39 10.40 -4.33
N ILE A 110 2.83 11.34 -5.08
CA ILE A 110 2.05 12.43 -4.51
C ILE A 110 0.67 11.89 -4.14
N LYS A 111 0.34 11.95 -2.86
CA LYS A 111 -0.96 11.53 -2.34
C LYS A 111 -1.65 12.72 -1.68
N GLU A 112 -2.97 12.69 -1.71
CA GLU A 112 -3.75 13.78 -1.13
C GLU A 112 -3.67 13.75 0.39
N GLN A 113 -3.30 14.89 0.98
CA GLN A 113 -3.32 15.02 2.43
C GLN A 113 -4.75 14.94 2.93
N LYS A 114 -4.95 14.28 4.06
CA LYS A 114 -6.31 14.03 4.56
C LYS A 114 -6.31 13.96 6.08
N CYS A 115 -7.23 14.68 6.69
CA CYS A 115 -7.43 14.59 8.13
C CYS A 115 -7.96 13.21 8.49
N PRO A 116 -7.32 12.49 9.42
CA PRO A 116 -7.69 11.10 9.70
C PRO A 116 -8.85 11.03 10.67
N PRO A 117 -9.45 9.84 10.81
CA PRO A 117 -10.38 9.61 11.93
C PRO A 117 -9.66 9.66 13.26
N GLU A 118 -10.47 9.67 14.33
CA GLU A 118 -9.91 9.76 15.67
C GLU A 118 -8.87 8.67 15.91
N VAL A 119 -9.17 7.44 15.52
CA VAL A 119 -8.30 6.29 15.74
C VAL A 119 -8.08 5.55 14.42
N LEU A 120 -6.83 5.18 14.17
CA LEU A 120 -6.48 4.21 13.15
C LEU A 120 -5.71 3.09 13.82
N TYR A 121 -5.45 2.02 13.08
CA TYR A 121 -4.80 0.84 13.65
C TYR A 121 -3.57 0.46 12.84
N HIS A 122 -2.70 -0.31 13.48
CA HIS A 122 -1.55 -0.86 12.76
C HIS A 122 -1.24 -2.23 13.33
N GLY A 123 -1.30 -3.26 12.50
CA GLY A 123 -0.95 -4.61 12.92
C GLY A 123 0.49 -4.92 12.58
N THR A 124 1.21 -5.49 13.54
CA THR A 124 2.63 -5.75 13.33
C THR A 124 3.04 -7.06 13.99
N ALA A 125 4.33 -7.37 13.85
CA ALA A 125 4.91 -8.58 14.42
C ALA A 125 5.42 -8.30 15.82
N ARG A 126 5.31 -9.31 16.69
CA ARG A 126 5.81 -9.17 18.05
C ARG A 126 7.26 -8.71 18.07
N ARG A 127 8.08 -9.21 17.13
CA ARG A 127 9.50 -8.92 17.17
C ARG A 127 9.84 -7.47 16.85
N PHE A 128 8.90 -6.69 16.33
CA PHE A 128 9.13 -5.28 16.01
C PHE A 128 8.65 -4.32 17.08
N VAL A 129 7.93 -4.81 18.11
CA VAL A 129 7.23 -3.91 19.02
C VAL A 129 8.21 -3.04 19.81
N LYS A 130 9.30 -3.63 20.32
CA LYS A 130 10.25 -2.85 21.09
C LYS A 130 10.78 -1.67 20.28
N SER A 131 11.15 -1.93 19.02
CA SER A 131 11.68 -0.87 18.16
C SER A 131 10.63 0.20 17.86
N ILE A 132 9.36 -0.21 17.67
CA ILE A 132 8.32 0.77 17.42
C ILE A 132 8.09 1.62 18.66
N LYS A 133 8.14 1.02 19.84
CA LYS A 133 8.02 1.79 21.08
C LYS A 133 9.12 2.85 21.17
N GLU A 134 10.35 2.51 20.76
CA GLU A 134 11.47 3.42 20.91
C GLU A 134 11.52 4.49 19.84
N LYS A 135 11.08 4.16 18.61
CA LYS A 135 11.29 5.04 17.48
C LYS A 135 10.01 5.53 16.83
N GLY A 136 8.85 4.99 17.23
CA GLY A 136 7.61 5.25 16.54
C GLY A 136 7.49 4.39 15.29
N LEU A 137 6.35 4.50 14.62
CA LEU A 137 6.16 3.80 13.35
C LEU A 137 6.93 4.55 12.26
N GLN A 138 7.74 3.82 11.51
CA GLN A 138 8.55 4.36 10.45
C GLN A 138 8.13 3.74 9.11
N PRO A 139 8.34 4.46 7.99
CA PRO A 139 7.93 3.89 6.70
C PRO A 139 8.75 2.67 6.28
N GLN A 140 9.97 2.50 6.80
CA GLN A 140 10.83 1.35 6.52
C GLN A 140 11.13 1.32 5.02
N GLY A 141 10.74 0.26 4.30
CA GLY A 141 11.03 0.24 2.87
C GLY A 141 10.06 1.00 2.01
N ARG A 142 8.91 1.39 2.56
CA ARG A 142 7.89 2.11 1.80
C ARG A 142 8.11 3.62 1.91
N GLN A 143 7.35 4.36 1.11
CA GLN A 143 7.37 5.81 1.18
C GLN A 143 6.59 6.32 2.37
N TYR A 144 5.56 5.57 2.80
CA TYR A 144 4.64 5.99 3.84
C TYR A 144 4.44 4.88 4.85
N VAL A 145 4.17 5.28 6.10
CA VAL A 145 3.58 4.37 7.07
C VAL A 145 2.18 4.00 6.60
N HIS A 146 1.84 2.71 6.65
CA HIS A 146 0.52 2.23 6.29
C HIS A 146 -0.28 1.88 7.55
N LEU A 147 -1.53 2.35 7.59
CA LEU A 147 -2.43 2.13 8.72
C LEU A 147 -3.74 1.53 8.22
N SER A 148 -4.49 0.94 9.16
CA SER A 148 -5.77 0.28 8.86
C SER A 148 -6.92 1.00 9.53
N ALA A 149 -8.08 0.99 8.86
CA ALA A 149 -9.25 1.65 9.41
C ALA A 149 -9.94 0.85 10.52
N ASP A 150 -9.75 -0.47 10.56
CA ASP A 150 -10.45 -1.29 11.54
C ASP A 150 -9.52 -2.37 12.05
N VAL A 151 -9.93 -2.99 13.16
CA VAL A 151 -9.08 -3.93 13.89
C VAL A 151 -8.81 -5.18 13.05
N GLU A 152 -9.86 -5.76 12.46
CA GLU A 152 -9.68 -7.00 11.72
C GLU A 152 -8.72 -6.81 10.54
N THR A 153 -8.86 -5.69 9.84
CA THR A 153 -7.96 -5.39 8.73
C THR A 153 -6.52 -5.28 9.21
N ALA A 154 -6.31 -4.64 10.37
CA ALA A 154 -4.96 -4.50 10.92
C ALA A 154 -4.38 -5.84 11.32
N LEU A 155 -5.18 -6.71 11.94
CA LEU A 155 -4.66 -8.02 12.32
C LEU A 155 -4.22 -8.82 11.10
N GLN A 156 -4.96 -8.69 9.99
CA GLN A 156 -4.55 -9.37 8.76
C GLN A 156 -3.23 -8.83 8.24
N VAL A 157 -2.98 -7.53 8.40
CA VAL A 157 -1.68 -6.97 8.03
C VAL A 157 -0.58 -7.63 8.86
N GLY A 158 -0.79 -7.72 10.17
CA GLY A 158 0.23 -8.33 11.02
C GLY A 158 0.42 -9.80 10.78
N LYS A 159 -0.64 -10.50 10.37
CA LYS A 159 -0.53 -11.94 10.13
C LYS A 159 0.38 -12.28 8.96
N ARG A 160 0.70 -11.29 8.10
CA ARG A 160 1.69 -11.53 7.07
C ARG A 160 3.07 -11.85 7.64
N ARG A 161 3.34 -11.46 8.90
CA ARG A 161 4.64 -11.68 9.51
C ARG A 161 4.60 -12.44 10.83
N ASP A 162 3.44 -12.63 11.44
CA ASP A 162 3.36 -13.22 12.76
C ASP A 162 2.02 -13.91 12.92
N ILE A 163 2.04 -15.18 13.34
CA ILE A 163 0.80 -15.90 13.57
C ILE A 163 0.03 -15.31 14.74
N LYS A 164 0.71 -14.57 15.63
CA LYS A 164 0.10 -13.91 16.78
C LYS A 164 0.42 -12.42 16.72
N PRO A 165 -0.18 -11.70 15.78
CA PRO A 165 0.20 -10.30 15.58
C PRO A 165 -0.23 -9.41 16.72
N VAL A 166 0.41 -8.25 16.79
CA VAL A 166 0.14 -7.25 17.82
C VAL A 166 -0.66 -6.12 17.19
N LEU A 167 -1.75 -5.73 17.86
CA LEU A 167 -2.55 -4.60 17.43
C LEU A 167 -2.03 -3.32 18.08
N LEU A 168 -1.62 -2.37 17.26
CA LEU A 168 -1.31 -1.02 17.72
C LEU A 168 -2.49 -0.12 17.42
N ILE A 169 -2.80 0.76 18.36
CA ILE A 169 -3.90 1.71 18.22
C ILE A 169 -3.28 3.10 18.13
N VAL A 170 -3.55 3.81 17.05
CA VAL A 170 -2.93 5.10 16.77
C VAL A 170 -3.94 6.19 17.05
N ASN A 171 -3.55 7.15 17.90
CA ASN A 171 -4.35 8.35 18.15
C ASN A 171 -4.10 9.29 16.98
N ALA A 172 -4.74 8.95 15.84
CA ALA A 172 -4.38 9.59 14.57
C ALA A 172 -4.80 11.04 14.53
N LEU A 173 -6.02 11.36 14.97
CA LEU A 173 -6.45 12.74 14.95
C LEU A 173 -5.56 13.61 15.85
N GLU A 174 -5.17 13.09 17.02
CA GLU A 174 -4.25 13.83 17.87
C GLU A 174 -2.94 14.08 17.17
N ALA A 175 -2.38 13.05 16.53
CA ALA A 175 -1.12 13.21 15.82
C ALA A 175 -1.26 14.26 14.71
N TRP A 176 -2.36 14.19 13.96
CA TRP A 176 -2.62 15.17 12.92
C TRP A 176 -2.69 16.59 13.50
N SER A 177 -3.37 16.76 14.63
CA SER A 177 -3.48 18.09 15.22
C SER A 177 -2.15 18.63 15.70
N GLU A 178 -1.15 17.76 15.88
CA GLU A 178 0.18 18.15 16.32
C GLU A 178 1.19 18.10 15.18
N GLY A 179 0.73 18.03 13.93
CA GLY A 179 1.59 18.23 12.78
C GLY A 179 1.94 16.99 11.99
N ILE A 180 1.51 15.80 12.42
CA ILE A 180 1.81 14.58 11.66
C ILE A 180 0.87 14.49 10.47
N LYS A 181 1.43 14.31 9.28
CA LYS A 181 0.62 14.30 8.07
C LYS A 181 0.09 12.90 7.77
N PHE A 182 -1.18 12.86 7.35
CA PHE A 182 -1.85 11.66 6.91
C PHE A 182 -2.33 11.87 5.48
N TYR A 183 -2.49 10.76 4.75
CA TYR A 183 -2.78 10.83 3.32
C TYR A 183 -3.74 9.72 2.92
N LEU A 184 -4.44 9.97 1.81
CA LEU A 184 -5.40 9.02 1.27
C LEU A 184 -4.71 7.82 0.62
N GLY A 185 -5.06 6.62 1.08
CA GLY A 185 -4.71 5.40 0.38
C GLY A 185 -5.97 4.83 -0.25
N ASN A 186 -6.76 4.11 0.54
CA ASN A 186 -8.14 3.80 0.15
C ASN A 186 -8.96 3.77 1.44
N ASP A 187 -10.21 3.26 1.35
CA ASP A 187 -11.09 3.29 2.52
C ASP A 187 -10.54 2.48 3.69
N LYS A 188 -9.75 1.46 3.42
CA LYS A 188 -9.19 0.62 4.47
C LYS A 188 -7.72 0.86 4.77
N VAL A 189 -7.00 1.56 3.91
CA VAL A 189 -5.56 1.74 4.02
C VAL A 189 -5.30 3.25 4.08
N TRP A 190 -4.85 3.71 5.24
CA TRP A 190 -4.45 5.10 5.40
C TRP A 190 -2.92 5.19 5.37
N LEU A 191 -2.42 6.32 4.89
CA LEU A 191 -0.99 6.54 4.80
C LEU A 191 -0.59 7.69 5.72
N ALA A 192 0.66 7.65 6.20
CA ALA A 192 1.14 8.71 7.08
C ALA A 192 2.64 8.86 6.92
N ASP A 193 3.13 10.03 7.35
CA ASP A 193 4.55 10.15 7.65
C ASP A 193 4.85 9.37 8.92
N ALA A 194 6.13 9.34 9.32
CA ALA A 194 6.50 8.64 10.55
C ALA A 194 5.64 9.14 11.71
N ILE A 195 5.21 8.20 12.55
CA ILE A 195 4.31 8.50 13.66
C ILE A 195 5.06 8.32 14.97
N PRO A 196 5.32 9.38 15.74
CA PRO A 196 5.99 9.22 17.02
C PRO A 196 5.25 8.28 17.96
N SER A 197 6.04 7.64 18.82
CA SER A 197 5.53 6.67 19.80
C SER A 197 4.46 7.24 20.70
N LYS A 198 4.48 8.55 20.95
CA LYS A 198 3.50 9.09 21.91
C LYS A 198 2.07 8.90 21.42
N TYR A 199 1.87 8.73 20.13
CA TYR A 199 0.53 8.55 19.58
C TYR A 199 0.11 7.10 19.44
N ILE A 200 0.93 6.16 19.90
CA ILE A 200 0.72 4.74 19.68
C ILE A 200 0.43 4.08 21.02
N ARG A 201 -0.73 3.42 21.11
CA ARG A 201 -1.12 2.66 22.29
C ARG A 201 -0.81 1.20 22.03
N PHE A 202 0.00 0.62 22.92
CA PHE A 202 0.51 -0.74 22.81
C PHE A 202 -0.30 -1.67 23.70
C1B HQG B . 7.26 -2.44 11.05
C1D HQG B . 0.20 -5.01 2.49
C2A HQG B . 10.77 -1.86 13.64
C2B HQG B . 5.97 -2.34 10.69
C2D HQG B . -0.53 -4.73 3.85
C3B HQG B . 5.84 -3.50 9.57
C3D HQG B . -0.32 -3.17 4.02
C4A HQG B . 8.90 -1.19 12.45
C4B HQG B . 7.04 -3.49 8.91
C4D HQG B . 0.74 -2.83 3.30
C5A HQG B . 9.08 0.10 12.85
C5B HQG B . 6.95 -2.75 7.59
C5D HQG B . 1.94 -2.40 4.09
C6A HQG B . 10.17 0.38 13.69
C8A HQG B . 7.30 0.01 11.58
N1A HQG B . 10.98 -0.63 14.05
N3A HQG B . 9.76 -2.18 12.83
N6A HQG B . 10.39 1.71 14.17
N7A HQG B . 8.09 0.83 12.28
N9A HQG B . 7.80 -1.22 11.65
O1A HQG B . 5.26 -4.43 4.65
O1N HQG B . 2.22 -1.93 7.14
O1Z HQG B . 0.56 -5.99 -0.40
O2A HQG B . 6.43 -2.18 4.65
O2B HQG B . 5.09 -2.66 11.78
O2D HQG B . -1.80 -5.11 3.81
O2N HQG B . 3.15 -4.31 7.21
O2Z HQG B . -1.45 -7.00 0.62
O3 HQG B . 4.37 -2.39 5.98
O3B HQG B . 5.74 -4.76 10.23
O3D HQG B . -1.52 -2.45 3.50
O3Z HQG B . -1.69 -5.01 -0.85
O4B HQG B . 8.01 -2.65 9.71
O4D HQG B . 1.19 -4.18 2.45
O4Z HQG B . -0.67 -4.68 1.43
O5B HQG B . 6.49 -3.72 6.70
O5D HQG B . 2.22 -3.46 4.99
PA HQG B . 5.65 -3.19 5.41
PN HQG B . 2.94 -3.05 6.42
PZ HQG B . -0.81 -5.71 0.15
#